data_3SKM
#
_entry.id   3SKM
#
_cell.length_a   50.720
_cell.length_b   81.680
_cell.length_c   112.070
_cell.angle_alpha   90.000
_cell.angle_beta   90.000
_cell.angle_gamma   90.000
#
_symmetry.space_group_name_H-M   'P 21 21 21'
#
loop_
_entity.id
_entity.type
_entity.pdbx_description
1 polymer 'HLA class I histocompatibility antigen, B-8 alpha chain'
2 polymer Beta-2-microglobulin
3 polymer 'Epstein-Barr nuclear antigen 3'
4 water water
#
loop_
_entity_poly.entity_id
_entity_poly.type
_entity_poly.pdbx_seq_one_letter_code
_entity_poly.pdbx_strand_id
1 'polypeptide(L)'
;GSHSMRYFDTAMSRPGRGEPRFISVGYVDDTQFVRFDSDAASPREEPRAPWIEQEGPEYWDRNTQIFKTNTQTDRESLRN
LRGYYNQSEAGSHTLQSMYGCDVGPDGRLLRGHNQYAYDGKDYIALNEDLRSWTAADTAAQITQRKWEAARVAEQDRAYL
EGTCVEWLRRYLENGKDTLERADPPKTHVTHHPISDHEATLRCWALGFYPAEITLTWQRDGEDQTQDTELVETRPAGDRT
FQKWAAVVVPSGEEQRYTCHVQHEGLPKPLTLRWEP
;
A
2 'polypeptide(L)'
;MIQRTPKIQVYSRHPAENGKSNFLNCYVSGFHPSDIEVDLLKNGERIEKVEHSDLSFSKDWSFYLLYYTEFTPTEKDEYA
CRVNHVTLSQPKIVKWDRDM
;
B
3 'polypeptide(L)' FLRGRAYVL C
#
# COMPACT_ATOMS: atom_id res chain seq x y z
N GLY A 1 -9.39 13.28 14.13
CA GLY A 1 -9.64 13.84 12.82
C GLY A 1 -10.48 12.95 11.94
N SER A 2 -10.22 12.99 10.64
N SER A 2 -10.20 12.99 10.63
CA SER A 2 -10.92 12.11 9.69
CA SER A 2 -10.85 12.13 9.65
C SER A 2 -10.16 10.79 9.49
C SER A 2 -10.21 10.75 9.69
N HIS A 3 -10.92 9.74 9.19
CA HIS A 3 -10.36 8.40 9.13
C HIS A 3 -11.01 7.58 8.02
N SER A 4 -10.35 6.50 7.64
N SER A 4 -10.34 6.50 7.62
CA SER A 4 -10.90 5.59 6.64
CA SER A 4 -10.86 5.62 6.57
C SER A 4 -10.74 4.15 7.07
C SER A 4 -10.63 4.15 6.91
N MET A 5 -11.57 3.29 6.50
CA MET A 5 -11.34 1.85 6.57
C MET A 5 -11.31 1.40 5.12
N ARG A 6 -10.32 0.58 4.77
CA ARG A 6 -10.25 0.12 3.39
C ARG A 6 -9.79 -1.32 3.37
N TYR A 7 -10.44 -2.14 2.55
CA TYR A 7 -9.96 -3.49 2.26
C TYR A 7 -9.39 -3.52 0.86
N PHE A 8 -8.28 -4.24 0.72
CA PHE A 8 -7.62 -4.39 -0.57
C PHE A 8 -7.59 -5.88 -0.87
N ASP A 9 -8.33 -6.30 -1.89
CA ASP A 9 -8.55 -7.71 -2.16
C ASP A 9 -7.90 -8.07 -3.49
N THR A 10 -7.16 -9.18 -3.51
CA THR A 10 -6.50 -9.66 -4.72
C THR A 10 -6.84 -11.13 -4.95
N ALA A 11 -7.37 -11.46 -6.14
CA ALA A 11 -7.57 -12.86 -6.55
C ALA A 11 -6.74 -13.12 -7.79
N MET A 12 -5.95 -14.18 -7.79
CA MET A 12 -5.07 -14.41 -8.93
C MET A 12 -5.13 -15.86 -9.33
N SER A 13 -5.46 -16.11 -10.58
CA SER A 13 -5.49 -17.49 -11.07
C SER A 13 -4.07 -18.00 -11.32
N ARG A 14 -3.90 -19.32 -11.35
CA ARG A 14 -2.58 -19.92 -11.51
C ARG A 14 -2.79 -21.30 -12.12
N PRO A 15 -3.12 -21.31 -13.42
CA PRO A 15 -3.45 -22.57 -14.09
C PRO A 15 -2.34 -23.62 -13.88
N GLY A 16 -2.76 -24.81 -13.47
CA GLY A 16 -1.81 -25.89 -13.22
C GLY A 16 -1.26 -25.92 -11.81
N ARG A 17 -1.59 -24.90 -11.02
CA ARG A 17 -1.08 -24.81 -9.65
C ARG A 17 -2.21 -24.59 -8.65
N GLY A 18 -3.34 -25.22 -8.91
CA GLY A 18 -4.46 -25.20 -7.98
C GLY A 18 -5.43 -24.07 -8.30
N GLU A 19 -6.37 -23.85 -7.38
CA GLU A 19 -7.38 -22.82 -7.56
C GLU A 19 -6.78 -21.44 -7.28
N PRO A 20 -7.46 -20.38 -7.75
CA PRO A 20 -6.86 -19.04 -7.61
C PRO A 20 -6.65 -18.66 -6.16
N ARG A 21 -5.54 -17.99 -5.87
CA ARG A 21 -5.27 -17.55 -4.51
C ARG A 21 -6.07 -16.29 -4.26
N PHE A 22 -6.72 -16.23 -3.11
CA PHE A 22 -7.47 -15.04 -2.70
C PHE A 22 -6.88 -14.47 -1.41
N ILE A 23 -6.58 -13.18 -1.42
N ILE A 23 -6.62 -13.17 -1.44
CA ILE A 23 -6.13 -12.51 -0.20
CA ILE A 23 -6.15 -12.45 -0.27
C ILE A 23 -6.84 -11.17 0.00
C ILE A 23 -7.04 -11.23 -0.03
N SER A 24 -7.25 -10.90 1.23
CA SER A 24 -7.92 -9.64 1.54
C SER A 24 -7.16 -9.04 2.72
N VAL A 25 -6.77 -7.78 2.61
CA VAL A 25 -6.09 -7.14 3.72
C VAL A 25 -6.86 -5.89 4.10
N GLY A 26 -7.12 -5.72 5.39
CA GLY A 26 -7.89 -4.59 5.87
C GLY A 26 -7.00 -3.59 6.57
N TYR A 27 -7.32 -2.32 6.37
CA TYR A 27 -6.59 -1.20 6.96
C TYR A 27 -7.53 -0.23 7.63
N VAL A 28 -7.06 0.36 8.73
CA VAL A 28 -7.65 1.60 9.19
C VAL A 28 -6.57 2.66 8.97
N ASP A 29 -6.85 3.66 8.14
CA ASP A 29 -5.82 4.62 7.74
C ASP A 29 -4.61 3.87 7.18
N ASP A 30 -3.42 4.11 7.73
CA ASP A 30 -2.23 3.42 7.22
C ASP A 30 -1.82 2.23 8.09
N THR A 31 -2.77 1.71 8.86
CA THR A 31 -2.48 0.61 9.77
C THR A 31 -3.19 -0.64 9.31
N GLN A 32 -2.44 -1.67 8.91
CA GLN A 32 -3.08 -2.93 8.57
C GLN A 32 -3.59 -3.58 9.86
N PHE A 33 -4.84 -4.04 9.86
CA PHE A 33 -5.38 -4.70 11.04
C PHE A 33 -5.80 -6.16 10.88
N VAL A 34 -5.99 -6.62 9.64
CA VAL A 34 -6.39 -8.01 9.43
C VAL A 34 -5.90 -8.49 8.06
N ARG A 35 -5.67 -9.80 7.95
CA ARG A 35 -5.36 -10.39 6.67
C ARG A 35 -6.04 -11.75 6.58
N PHE A 36 -6.73 -11.99 5.47
CA PHE A 36 -7.30 -13.30 5.18
C PHE A 36 -6.62 -13.80 3.90
N ASP A 37 -6.25 -15.07 3.87
CA ASP A 37 -5.48 -15.59 2.74
C ASP A 37 -5.93 -17.03 2.51
N SER A 38 -6.36 -17.33 1.29
CA SER A 38 -6.88 -18.67 1.02
C SER A 38 -5.77 -19.70 1.11
N ASP A 39 -4.52 -19.25 1.01
CA ASP A 39 -3.39 -20.16 1.10
C ASP A 39 -2.89 -20.34 2.54
N ALA A 40 -3.46 -19.59 3.48
CA ALA A 40 -3.03 -19.65 4.87
C ALA A 40 -2.95 -21.07 5.42
N ALA A 41 -1.79 -21.44 5.96
CA ALA A 41 -1.60 -22.75 6.55
C ALA A 41 -2.22 -22.84 7.94
N ARG A 48 -3.15 -10.23 12.79
CA ARG A 48 -4.17 -9.24 13.11
C ARG A 48 -3.71 -8.26 14.22
N ALA A 49 -4.25 -7.02 14.23
CA ALA A 49 -3.81 -5.99 15.17
C ALA A 49 -4.28 -6.25 16.62
N PRO A 50 -3.56 -5.71 17.61
CA PRO A 50 -3.89 -6.00 19.02
C PRO A 50 -5.32 -5.61 19.35
N TRP A 51 -5.70 -4.39 18.96
CA TRP A 51 -7.07 -3.92 19.21
C TRP A 51 -8.15 -4.75 18.53
N ILE A 52 -7.76 -5.59 17.57
CA ILE A 52 -8.74 -6.45 16.90
C ILE A 52 -8.88 -7.78 17.63
N GLU A 53 -7.83 -8.16 18.36
CA GLU A 53 -7.82 -9.43 19.05
C GLU A 53 -8.90 -9.51 20.14
N GLN A 54 -9.30 -8.35 20.65
CA GLN A 54 -10.33 -8.31 21.68
C GLN A 54 -11.74 -8.57 21.14
N GLU A 55 -11.89 -8.66 19.82
CA GLU A 55 -13.20 -8.90 19.22
C GLU A 55 -13.83 -10.25 19.57
N GLY A 56 -13.03 -11.31 19.56
CA GLY A 56 -13.56 -12.61 19.96
C GLY A 56 -14.23 -13.41 18.86
N PRO A 57 -14.78 -14.58 19.23
CA PRO A 57 -15.25 -15.66 18.35
C PRO A 57 -16.40 -15.34 17.39
N GLU A 58 -17.42 -14.60 17.84
CA GLU A 58 -18.51 -14.26 16.95
C GLU A 58 -17.99 -13.43 15.78
N TYR A 59 -17.13 -12.47 16.08
CA TYR A 59 -16.52 -11.63 15.06
C TYR A 59 -15.74 -12.45 14.04
N TRP A 60 -14.83 -13.30 14.54
CA TRP A 60 -13.93 -14.06 13.66
C TRP A 60 -14.65 -15.10 12.83
N ASP A 61 -15.57 -15.82 13.44
CA ASP A 61 -16.35 -16.81 12.71
C ASP A 61 -17.10 -16.16 11.55
N ARG A 62 -17.76 -15.03 11.82
CA ARG A 62 -18.54 -14.38 10.79
C ARG A 62 -17.63 -13.84 9.67
N ASN A 63 -16.52 -13.24 10.04
CA ASN A 63 -15.60 -12.72 9.03
C ASN A 63 -14.97 -13.86 8.22
N THR A 64 -14.60 -14.94 8.90
CA THR A 64 -14.03 -16.10 8.22
C THR A 64 -15.04 -16.69 7.23
N GLN A 65 -16.31 -16.74 7.62
N GLN A 65 -16.30 -16.73 7.66
CA GLN A 65 -17.34 -17.27 6.73
CA GLN A 65 -17.40 -17.21 6.83
C GLN A 65 -17.62 -16.36 5.54
C GLN A 65 -17.55 -16.36 5.57
N ILE A 66 -17.56 -15.04 5.75
CA ILE A 66 -17.67 -14.11 4.64
C ILE A 66 -16.49 -14.27 3.69
N PHE A 67 -15.28 -14.44 4.25
CA PHE A 67 -14.11 -14.60 3.40
C PHE A 67 -14.24 -15.84 2.51
N LYS A 68 -14.68 -16.95 3.10
CA LYS A 68 -14.84 -18.19 2.34
C LYS A 68 -15.85 -18.05 1.19
N THR A 69 -16.98 -17.39 1.46
N THR A 69 -16.97 -17.39 1.45
CA THR A 69 -17.98 -17.18 0.44
CA THR A 69 -17.98 -17.21 0.40
C THR A 69 -17.46 -16.26 -0.66
C THR A 69 -17.58 -16.16 -0.66
N ASN A 70 -16.76 -15.19 -0.26
CA ASN A 70 -16.18 -14.24 -1.23
C ASN A 70 -15.17 -14.93 -2.13
N THR A 71 -14.42 -15.86 -1.55
CA THR A 71 -13.44 -16.64 -2.30
C THR A 71 -14.15 -17.41 -3.41
N GLN A 72 -15.28 -18.01 -3.08
N GLN A 72 -15.26 -18.05 -3.08
CA GLN A 72 -16.02 -18.82 -4.06
CA GLN A 72 -16.01 -18.79 -4.07
C GLN A 72 -16.73 -17.96 -5.11
C GLN A 72 -16.46 -17.85 -5.18
N THR A 73 -17.03 -16.72 -4.76
CA THR A 73 -17.57 -15.76 -5.73
C THR A 73 -16.49 -15.17 -6.64
N ASP A 74 -15.35 -14.79 -6.08
CA ASP A 74 -14.25 -14.24 -6.87
C ASP A 74 -13.71 -15.32 -7.83
N ARG A 75 -13.72 -16.57 -7.38
CA ARG A 75 -13.30 -17.65 -8.29
C ARG A 75 -14.22 -17.76 -9.52
N GLU A 76 -15.53 -17.69 -9.29
N GLU A 76 -15.52 -17.67 -9.32
CA GLU A 76 -16.49 -17.65 -10.39
CA GLU A 76 -16.46 -17.70 -10.45
C GLU A 76 -16.20 -16.44 -11.27
C GLU A 76 -16.40 -16.40 -11.28
N SER A 77 -16.08 -15.28 -10.63
CA SER A 77 -15.87 -14.03 -11.37
C SER A 77 -14.68 -14.18 -12.31
N LEU A 78 -13.60 -14.76 -11.82
CA LEU A 78 -12.44 -14.95 -12.69
C LEU A 78 -12.78 -15.78 -13.92
N ARG A 79 -13.56 -16.84 -13.73
CA ARG A 79 -14.00 -17.64 -14.87
C ARG A 79 -14.79 -16.81 -15.87
N ASN A 80 -15.70 -15.98 -15.37
CA ASN A 80 -16.53 -15.14 -16.23
C ASN A 80 -15.67 -14.12 -16.97
N LEU A 81 -14.71 -13.52 -16.28
CA LEU A 81 -13.87 -12.47 -16.88
C LEU A 81 -13.02 -13.04 -18.02
N ARG A 82 -12.52 -14.25 -17.83
CA ARG A 82 -11.74 -14.90 -18.87
C ARG A 82 -12.60 -14.97 -20.13
N GLY A 83 -13.87 -15.32 -19.96
CA GLY A 83 -14.79 -15.40 -21.09
C GLY A 83 -15.09 -14.04 -21.73
N TYR A 84 -15.35 -13.04 -20.90
CA TYR A 84 -15.67 -11.69 -21.39
C TYR A 84 -14.58 -11.14 -22.30
N TYR A 85 -13.33 -11.56 -22.08
CA TYR A 85 -12.21 -11.00 -22.83
C TYR A 85 -11.62 -12.02 -23.83
N ASN A 86 -12.33 -13.12 -24.04
CA ASN A 86 -11.89 -14.14 -24.99
C ASN A 86 -10.49 -14.66 -24.68
N GLN A 87 -10.21 -14.86 -23.39
CA GLN A 87 -8.90 -15.31 -22.98
C GLN A 87 -8.81 -16.83 -22.84
N SER A 88 -7.64 -17.38 -23.10
CA SER A 88 -7.46 -18.82 -22.99
C SER A 88 -7.34 -19.22 -21.53
N GLU A 89 -7.45 -20.52 -21.27
CA GLU A 89 -7.39 -21.01 -19.90
C GLU A 89 -5.96 -21.15 -19.41
N ALA A 90 -5.01 -20.77 -20.25
CA ALA A 90 -3.59 -21.03 -19.98
C ALA A 90 -2.88 -19.93 -19.18
N GLY A 91 -3.37 -18.71 -19.23
CA GLY A 91 -2.70 -17.61 -18.59
C GLY A 91 -3.18 -17.32 -17.19
N SER A 92 -2.33 -16.65 -16.40
N SER A 92 -2.35 -16.64 -16.41
CA SER A 92 -2.69 -16.14 -15.08
CA SER A 92 -2.74 -16.19 -15.07
C SER A 92 -3.38 -14.79 -15.23
C SER A 92 -3.32 -14.78 -15.13
N HIS A 93 -4.43 -14.56 -14.44
CA HIS A 93 -5.12 -13.26 -14.44
C HIS A 93 -5.42 -12.79 -13.03
N THR A 94 -5.68 -11.49 -12.88
CA THR A 94 -5.81 -10.91 -11.55
C THR A 94 -7.08 -10.08 -11.46
N LEU A 95 -7.85 -10.33 -10.40
CA LEU A 95 -9.02 -9.50 -10.10
C LEU A 95 -8.73 -8.82 -8.77
N GLN A 96 -8.85 -7.49 -8.76
CA GLN A 96 -8.62 -6.74 -7.53
C GLN A 96 -9.85 -5.93 -7.19
N SER A 97 -10.05 -5.68 -5.90
N SER A 97 -10.06 -5.74 -5.90
CA SER A 97 -11.03 -4.68 -5.51
CA SER A 97 -11.14 -4.90 -5.44
C SER A 97 -10.55 -3.91 -4.29
C SER A 97 -10.69 -4.12 -4.23
N MET A 98 -11.05 -2.67 -4.16
N MET A 98 -11.08 -2.85 -4.18
CA MET A 98 -10.82 -1.82 -3.01
CA MET A 98 -10.89 -2.05 -3.01
C MET A 98 -12.16 -1.30 -2.56
C MET A 98 -12.25 -1.56 -2.58
N TYR A 99 -12.47 -1.44 -1.28
CA TYR A 99 -13.74 -0.91 -0.80
C TYR A 99 -13.60 -0.43 0.63
N GLY A 100 -14.50 0.45 1.06
CA GLY A 100 -14.43 0.96 2.42
C GLY A 100 -15.09 2.32 2.52
N CYS A 101 -14.90 2.97 3.65
CA CYS A 101 -15.59 4.22 3.90
C CYS A 101 -14.63 5.22 4.49
N ASP A 102 -14.91 6.51 4.26
CA ASP A 102 -14.20 7.60 4.88
C ASP A 102 -15.21 8.26 5.81
N VAL A 103 -14.78 8.59 7.04
CA VAL A 103 -15.64 9.29 7.98
C VAL A 103 -14.97 10.56 8.50
N GLY A 104 -15.76 11.52 8.97
CA GLY A 104 -15.21 12.73 9.55
C GLY A 104 -14.90 12.57 11.04
N PRO A 105 -14.45 13.66 11.67
CA PRO A 105 -14.12 13.64 13.10
C PRO A 105 -15.30 13.17 13.95
N ASP A 106 -16.51 13.47 13.50
CA ASP A 106 -17.72 13.08 14.22
C ASP A 106 -18.18 11.64 13.92
N GLY A 107 -17.44 10.93 13.07
CA GLY A 107 -17.79 9.55 12.75
C GLY A 107 -18.84 9.38 11.67
N ARG A 108 -19.31 10.48 11.10
CA ARG A 108 -20.29 10.38 10.01
C ARG A 108 -19.66 10.13 8.64
N LEU A 109 -20.38 9.41 7.80
CA LEU A 109 -19.92 9.05 6.48
C LEU A 109 -19.61 10.27 5.62
N LEU A 110 -18.37 10.34 5.11
CA LEU A 110 -17.98 11.36 4.13
C LEU A 110 -18.16 10.79 2.73
N ARG A 111 -17.72 9.54 2.54
CA ARG A 111 -18.02 8.87 1.29
C ARG A 111 -17.63 7.41 1.32
N GLY A 112 -18.20 6.66 0.40
CA GLY A 112 -17.96 5.22 0.31
C GLY A 112 -17.31 4.89 -1.00
N HIS A 113 -16.69 3.72 -1.05
CA HIS A 113 -15.92 3.29 -2.21
C HIS A 113 -16.17 1.80 -2.41
N ASN A 114 -16.30 1.37 -3.66
CA ASN A 114 -16.27 -0.05 -4.00
C ASN A 114 -15.90 -0.15 -5.47
N GLN A 115 -14.65 -0.46 -5.75
CA GLN A 115 -14.25 -0.54 -7.14
C GLN A 115 -13.42 -1.77 -7.43
N TYR A 116 -13.34 -2.11 -8.71
CA TYR A 116 -12.73 -3.36 -9.14
C TYR A 116 -11.83 -3.09 -10.32
N ALA A 117 -10.80 -3.92 -10.47
CA ALA A 117 -9.87 -3.87 -11.58
C ALA A 117 -9.59 -5.29 -12.06
N TYR A 118 -9.37 -5.47 -13.35
CA TYR A 118 -9.02 -6.79 -13.89
C TYR A 118 -7.74 -6.62 -14.67
N ASP A 119 -6.77 -7.51 -14.42
CA ASP A 119 -5.42 -7.42 -14.97
C ASP A 119 -4.84 -6.00 -14.90
N GLY A 120 -5.05 -5.33 -13.77
CA GLY A 120 -4.43 -4.05 -13.50
C GLY A 120 -5.17 -2.84 -14.05
N LYS A 121 -6.30 -3.08 -14.71
CA LYS A 121 -7.03 -2.01 -15.39
C LYS A 121 -8.37 -1.80 -14.72
N ASP A 122 -8.76 -0.55 -14.48
CA ASP A 122 -10.09 -0.30 -13.95
C ASP A 122 -11.17 -1.02 -14.75
N TYR A 123 -12.09 -1.65 -14.04
CA TYR A 123 -13.13 -2.47 -14.63
C TYR A 123 -14.53 -1.91 -14.33
N ILE A 124 -14.92 -1.85 -13.06
CA ILE A 124 -16.20 -1.22 -12.73
C ILE A 124 -16.09 -0.61 -11.34
N ALA A 125 -16.82 0.48 -11.10
CA ALA A 125 -16.78 1.13 -9.80
C ALA A 125 -18.15 1.62 -9.41
N LEU A 126 -18.47 1.52 -8.12
CA LEU A 126 -19.67 2.17 -7.59
C LEU A 126 -19.44 3.69 -7.55
N ASN A 127 -20.35 4.46 -8.12
CA ASN A 127 -20.26 5.92 -8.11
C ASN A 127 -20.44 6.49 -6.70
N GLU A 128 -20.07 7.75 -6.51
CA GLU A 128 -20.11 8.36 -5.19
C GLU A 128 -21.51 8.36 -4.63
N ASP A 129 -22.53 8.36 -5.50
CA ASP A 129 -23.92 8.36 -5.06
C ASP A 129 -24.35 7.05 -4.39
N LEU A 130 -23.51 6.02 -4.52
CA LEU A 130 -23.79 4.68 -4.00
C LEU A 130 -25.03 4.03 -4.63
N ARG A 131 -25.40 4.48 -5.83
CA ARG A 131 -26.58 3.96 -6.50
C ARG A 131 -26.36 3.52 -7.94
N SER A 132 -25.30 4.00 -8.57
CA SER A 132 -25.05 3.70 -9.97
C SER A 132 -23.61 3.25 -10.19
N TRP A 133 -23.34 2.69 -11.37
CA TRP A 133 -22.01 2.16 -11.68
C TRP A 133 -21.38 2.88 -12.86
N THR A 134 -20.05 2.91 -12.86
CA THR A 134 -19.30 3.33 -14.04
C THR A 134 -18.52 2.15 -14.56
N ALA A 135 -18.84 1.72 -15.78
CA ALA A 135 -18.18 0.56 -16.41
C ALA A 135 -17.11 1.03 -17.39
N ALA A 136 -15.95 0.39 -17.37
CA ALA A 136 -14.81 0.83 -18.16
C ALA A 136 -14.90 0.44 -19.64
N ASP A 137 -15.60 -0.65 -19.93
CA ASP A 137 -15.57 -1.23 -21.27
C ASP A 137 -16.78 -2.14 -21.49
N THR A 138 -16.89 -2.76 -22.68
CA THR A 138 -18.10 -3.55 -22.96
C THR A 138 -18.25 -4.78 -22.08
N ALA A 139 -17.13 -5.31 -21.57
CA ALA A 139 -17.21 -6.47 -20.67
C ALA A 139 -17.80 -6.01 -19.35
N ALA A 140 -17.31 -4.87 -18.84
CA ALA A 140 -17.82 -4.34 -17.58
C ALA A 140 -19.29 -3.90 -17.71
N GLN A 141 -19.70 -3.59 -18.94
CA GLN A 141 -21.10 -3.24 -19.15
C GLN A 141 -21.99 -4.47 -18.92
N ILE A 142 -21.46 -5.65 -19.20
N ILE A 142 -21.46 -5.66 -19.17
CA ILE A 142 -22.17 -6.88 -18.90
CA ILE A 142 -22.23 -6.87 -18.89
C ILE A 142 -22.38 -6.99 -17.40
C ILE A 142 -22.37 -7.05 -17.39
N THR A 143 -21.28 -6.86 -16.67
CA THR A 143 -21.35 -6.89 -15.22
C THR A 143 -22.36 -5.85 -14.72
N GLN A 144 -22.30 -4.65 -15.27
CA GLN A 144 -23.21 -3.59 -14.82
C GLN A 144 -24.65 -4.02 -15.00
N ARG A 145 -24.93 -4.63 -16.15
N ARG A 145 -24.94 -4.66 -16.13
CA ARG A 145 -26.28 -5.09 -16.43
CA ARG A 145 -26.28 -5.15 -16.39
C ARG A 145 -26.74 -6.07 -15.37
C ARG A 145 -26.70 -6.21 -15.36
N LYS A 146 -25.90 -7.07 -15.08
N LYS A 146 -25.79 -7.11 -15.03
CA LYS A 146 -26.21 -8.09 -14.08
CA LYS A 146 -26.06 -8.18 -14.07
C LYS A 146 -26.46 -7.45 -12.72
C LYS A 146 -26.32 -7.58 -12.69
N TRP A 147 -25.58 -6.53 -12.34
CA TRP A 147 -25.64 -5.94 -11.00
C TRP A 147 -26.83 -5.01 -10.83
N GLU A 148 -27.21 -4.33 -11.90
CA GLU A 148 -28.45 -3.55 -11.91
C GLU A 148 -29.67 -4.47 -11.75
N ALA A 149 -29.67 -5.59 -12.46
CA ALA A 149 -30.76 -6.55 -12.34
C ALA A 149 -30.89 -7.13 -10.93
N ALA A 150 -29.76 -7.40 -10.28
CA ALA A 150 -29.77 -8.04 -8.96
C ALA A 150 -29.72 -7.05 -7.81
N ARG A 151 -29.87 -5.77 -8.12
CA ARG A 151 -29.87 -4.70 -7.13
C ARG A 151 -28.63 -4.72 -6.23
N VAL A 152 -27.47 -4.91 -6.83
CA VAL A 152 -26.22 -4.98 -6.07
C VAL A 152 -25.84 -3.67 -5.36
N ALA A 153 -26.07 -2.55 -6.02
CA ALA A 153 -25.69 -1.26 -5.43
C ALA A 153 -26.40 -1.05 -4.10
N GLU A 154 -27.66 -1.47 -4.03
CA GLU A 154 -28.42 -1.34 -2.78
C GLU A 154 -27.75 -2.10 -1.63
N GLN A 155 -27.22 -3.27 -1.92
N GLN A 155 -27.23 -3.28 -1.93
CA GLN A 155 -26.55 -4.08 -0.91
CA GLN A 155 -26.55 -4.08 -0.91
C GLN A 155 -25.19 -3.49 -0.52
C GLN A 155 -25.19 -3.47 -0.52
N ASP A 156 -24.43 -3.01 -1.50
CA ASP A 156 -23.13 -2.41 -1.23
C ASP A 156 -23.33 -1.12 -0.45
N ARG A 157 -24.31 -0.32 -0.85
CA ARG A 157 -24.63 0.89 -0.10
C ARG A 157 -25.00 0.60 1.36
N ALA A 158 -25.75 -0.46 1.61
CA ALA A 158 -26.12 -0.84 2.97
C ALA A 158 -24.89 -1.12 3.81
N TYR A 159 -23.91 -1.82 3.23
CA TYR A 159 -22.67 -2.12 3.91
C TYR A 159 -21.89 -0.84 4.19
N LEU A 160 -21.78 0.00 3.18
CA LEU A 160 -20.95 1.19 3.30
C LEU A 160 -21.51 2.19 4.31
N GLU A 161 -22.82 2.37 4.30
N GLU A 161 -22.83 2.37 4.28
CA GLU A 161 -23.45 3.34 5.20
CA GLU A 161 -23.49 3.32 5.18
C GLU A 161 -23.71 2.77 6.59
C GLU A 161 -23.65 2.77 6.60
N GLY A 162 -23.74 1.45 6.71
CA GLY A 162 -24.02 0.81 7.98
C GLY A 162 -22.78 0.16 8.56
N THR A 163 -22.61 -1.11 8.24
CA THR A 163 -21.54 -1.93 8.77
C THR A 163 -20.16 -1.23 8.75
N CYS A 164 -19.79 -0.67 7.61
CA CYS A 164 -18.47 -0.07 7.46
C CYS A 164 -18.27 1.06 8.48
N VAL A 165 -19.22 2.00 8.53
CA VAL A 165 -19.07 3.15 9.39
C VAL A 165 -19.14 2.74 10.87
N GLU A 166 -20.05 1.81 11.18
N GLU A 166 -20.03 1.79 11.18
CA GLU A 166 -20.22 1.34 12.56
CA GLU A 166 -20.22 1.37 12.57
C GLU A 166 -18.93 0.70 13.09
C GLU A 166 -19.01 0.61 13.13
N TRP A 167 -18.39 -0.22 12.30
CA TRP A 167 -17.18 -0.93 12.72
C TRP A 167 -15.96 -0.03 12.71
N LEU A 168 -15.86 0.89 11.77
CA LEU A 168 -14.76 1.85 11.82
C LEU A 168 -14.80 2.60 13.16
N ARG A 169 -15.99 3.02 13.57
CA ARG A 169 -16.14 3.71 14.85
C ARG A 169 -15.64 2.85 16.01
N ARG A 170 -16.02 1.58 16.00
N ARG A 170 -16.04 1.59 16.03
CA ARG A 170 -15.64 0.62 17.04
CA ARG A 170 -15.59 0.70 17.09
C ARG A 170 -14.12 0.34 17.07
C ARG A 170 -14.07 0.50 17.07
N TYR A 171 -13.50 0.27 15.90
CA TYR A 171 -12.05 0.07 15.82
C TYR A 171 -11.32 1.31 16.34
N LEU A 172 -11.81 2.49 15.99
CA LEU A 172 -11.15 3.72 16.41
C LEU A 172 -11.20 3.86 17.91
N GLU A 173 -12.29 3.42 18.52
CA GLU A 173 -12.41 3.49 19.98
C GLU A 173 -11.47 2.48 20.63
N ASN A 174 -11.45 1.26 20.11
CA ASN A 174 -10.59 0.23 20.67
C ASN A 174 -9.10 0.51 20.44
N GLY A 175 -8.78 1.19 19.34
CA GLY A 175 -7.39 1.42 18.97
C GLY A 175 -6.98 2.88 19.11
N LYS A 176 -7.73 3.64 19.91
CA LYS A 176 -7.50 5.08 19.97
C LYS A 176 -6.07 5.53 20.31
N ASP A 177 -5.39 4.83 21.20
CA ASP A 177 -4.02 5.23 21.57
C ASP A 177 -3.05 5.24 20.39
N THR A 178 -3.27 4.39 19.38
N THR A 178 -3.33 4.45 19.36
CA THR A 178 -2.43 4.39 18.18
CA THR A 178 -2.44 4.34 18.21
C THR A 178 -3.11 5.05 16.98
C THR A 178 -3.06 4.92 16.93
N LEU A 179 -4.32 4.62 16.68
CA LEU A 179 -5.00 5.13 15.48
C LEU A 179 -5.24 6.64 15.49
N GLU A 180 -5.42 7.21 16.66
CA GLU A 180 -5.70 8.65 16.77
C GLU A 180 -4.44 9.43 17.09
N ARG A 181 -3.29 8.77 17.06
CA ARG A 181 -2.02 9.43 17.34
C ARG A 181 -1.22 9.65 16.06
N ALA A 182 -0.91 10.91 15.77
CA ALA A 182 -0.01 11.22 14.67
C ALA A 182 1.40 11.39 15.23
N ASP A 183 2.37 10.70 14.64
CA ASP A 183 3.77 10.85 15.05
C ASP A 183 4.47 11.76 14.05
N PRO A 184 5.05 12.86 14.53
CA PRO A 184 5.64 13.82 13.61
C PRO A 184 6.96 13.31 13.04
N PRO A 185 7.38 13.86 11.91
CA PRO A 185 8.65 13.39 11.38
C PRO A 185 9.83 13.94 12.16
N LYS A 186 10.87 13.15 12.25
CA LYS A 186 12.18 13.60 12.71
C LYS A 186 12.96 13.96 11.46
N THR A 187 13.50 15.16 11.45
CA THR A 187 14.01 15.72 10.20
C THR A 187 15.47 16.12 10.35
N HIS A 188 16.21 16.04 9.24
CA HIS A 188 17.54 16.65 9.17
C HIS A 188 17.90 16.90 7.71
N VAL A 189 18.90 17.75 7.49
CA VAL A 189 19.34 18.05 6.15
C VAL A 189 20.79 17.61 6.01
N THR A 190 21.08 16.82 4.99
CA THR A 190 22.45 16.38 4.74
C THR A 190 23.03 17.03 3.49
N HIS A 191 24.36 17.01 3.39
CA HIS A 191 25.08 17.71 2.34
C HIS A 191 26.19 16.80 1.82
N HIS A 192 26.17 16.55 0.52
CA HIS A 192 27.20 15.72 -0.12
C HIS A 192 27.73 16.38 -1.40
N PRO A 193 29.00 16.77 -1.39
CA PRO A 193 29.65 17.27 -2.61
C PRO A 193 29.56 16.26 -3.75
N ILE A 194 29.14 16.73 -4.93
CA ILE A 194 29.07 15.92 -6.15
C ILE A 194 30.34 16.14 -6.97
N SER A 195 30.81 17.38 -6.94
CA SER A 195 31.97 17.81 -7.71
C SER A 195 32.48 19.07 -7.04
N ASP A 196 33.46 19.71 -7.65
CA ASP A 196 34.00 20.92 -7.04
C ASP A 196 32.97 22.05 -7.07
N HIS A 197 32.02 21.96 -8.00
CA HIS A 197 31.10 23.07 -8.24
C HIS A 197 29.64 22.83 -7.81
N GLU A 198 29.31 21.60 -7.46
CA GLU A 198 27.94 21.25 -7.07
C GLU A 198 27.91 20.36 -5.82
N ALA A 199 26.79 20.40 -5.09
CA ALA A 199 26.60 19.53 -3.94
C ALA A 199 25.12 19.12 -3.89
N THR A 200 24.84 17.97 -3.27
CA THR A 200 23.46 17.57 -3.03
C THR A 200 23.02 17.92 -1.60
N LEU A 201 21.87 18.58 -1.51
CA LEU A 201 21.23 18.82 -0.22
C LEU A 201 20.07 17.83 -0.15
N ARG A 202 20.00 17.05 0.94
CA ARG A 202 18.94 16.05 1.07
C ARG A 202 18.21 16.28 2.38
N CYS A 203 16.90 16.49 2.27
CA CYS A 203 16.06 16.75 3.42
C CYS A 203 15.33 15.45 3.80
N TRP A 204 15.55 14.98 5.02
CA TRP A 204 15.02 13.71 5.50
C TRP A 204 13.82 13.87 6.43
N ALA A 205 12.84 12.98 6.28
CA ALA A 205 11.74 12.89 7.23
C ALA A 205 11.59 11.43 7.66
N LEU A 206 11.76 11.16 8.94
CA LEU A 206 11.74 9.78 9.46
C LEU A 206 10.78 9.61 10.64
N GLY A 207 10.28 8.39 10.81
CA GLY A 207 9.49 8.04 11.98
C GLY A 207 8.11 8.65 12.05
N PHE A 208 7.51 9.03 10.92
CA PHE A 208 6.22 9.70 10.96
C PHE A 208 5.03 8.77 10.68
N TYR A 209 3.86 9.15 11.18
CA TYR A 209 2.62 8.41 10.95
C TYR A 209 1.51 9.46 11.10
N PRO A 210 0.57 9.52 10.16
CA PRO A 210 0.40 8.62 9.02
C PRO A 210 1.37 8.95 7.88
N ALA A 211 1.18 8.28 6.75
CA ALA A 211 2.12 8.36 5.64
C ALA A 211 2.09 9.71 4.92
N GLU A 212 0.92 10.32 4.88
CA GLU A 212 0.75 11.61 4.20
C GLU A 212 1.75 12.64 4.70
N ILE A 213 2.51 13.23 3.78
CA ILE A 213 3.49 14.25 4.17
C ILE A 213 3.81 15.10 2.96
N THR A 214 4.29 16.33 3.21
CA THR A 214 4.74 17.19 2.12
C THR A 214 6.16 17.62 2.43
N LEU A 215 7.08 17.31 1.50
CA LEU A 215 8.48 17.73 1.61
C LEU A 215 8.82 18.49 0.34
N THR A 216 9.27 19.73 0.49
CA THR A 216 9.58 20.53 -0.69
C THR A 216 10.87 21.30 -0.45
N TRP A 217 11.59 21.59 -1.53
CA TRP A 217 12.73 22.50 -1.48
C TRP A 217 12.30 23.80 -2.15
N GLN A 218 12.68 24.93 -1.56
CA GLN A 218 12.52 26.24 -2.20
C GLN A 218 13.90 26.86 -2.42
N ARG A 219 14.04 27.62 -3.50
CA ARG A 219 15.24 28.42 -3.72
C ARG A 219 14.81 29.88 -3.79
N ASP A 220 15.28 30.69 -2.85
CA ASP A 220 14.86 32.09 -2.80
C ASP A 220 13.34 32.15 -2.67
N GLY A 221 12.74 31.12 -2.05
CA GLY A 221 11.31 31.13 -1.81
C GLY A 221 10.45 30.65 -2.97
N GLU A 222 11.09 30.21 -4.04
N GLU A 222 11.09 30.21 -4.05
CA GLU A 222 10.38 29.64 -5.18
CA GLU A 222 10.34 29.65 -5.18
C GLU A 222 10.49 28.11 -5.15
C GLU A 222 10.50 28.13 -5.24
N ASP A 223 9.38 27.44 -5.43
CA ASP A 223 9.37 25.98 -5.44
C ASP A 223 10.30 25.42 -6.51
N GLN A 224 11.08 24.42 -6.12
CA GLN A 224 12.02 23.77 -7.03
C GLN A 224 11.46 22.44 -7.51
N THR A 225 10.17 22.43 -7.84
CA THR A 225 9.49 21.20 -8.17
C THR A 225 10.21 20.39 -9.24
N GLN A 226 10.65 21.06 -10.30
CA GLN A 226 11.30 20.35 -11.39
C GLN A 226 12.68 19.81 -11.03
N ASP A 227 13.39 20.51 -10.17
CA ASP A 227 14.78 20.14 -9.88
C ASP A 227 14.93 19.23 -8.65
N THR A 228 13.81 18.93 -7.99
CA THR A 228 13.85 18.10 -6.80
C THR A 228 13.67 16.63 -7.12
N GLU A 229 14.54 15.78 -6.58
CA GLU A 229 14.31 14.34 -6.61
C GLU A 229 13.59 13.94 -5.33
N LEU A 230 12.41 13.37 -5.48
CA LEU A 230 11.55 13.02 -4.36
C LEU A 230 11.27 11.52 -4.38
N VAL A 231 11.82 10.76 -3.41
CA VAL A 231 11.52 9.32 -3.37
C VAL A 231 10.10 9.05 -2.89
N GLU A 232 9.56 7.90 -3.28
CA GLU A 232 8.25 7.50 -2.79
C GLU A 232 8.32 7.29 -1.30
N THR A 233 7.27 7.72 -0.59
CA THR A 233 7.17 7.46 0.83
C THR A 233 7.22 5.96 1.07
N ARG A 234 8.02 5.55 2.06
CA ARG A 234 8.33 4.14 2.25
C ARG A 234 8.15 3.73 3.72
N PRO A 235 7.70 2.49 3.95
CA PRO A 235 7.46 2.00 5.30
C PRO A 235 8.76 1.62 6.04
N ALA A 236 8.87 2.00 7.30
CA ALA A 236 10.06 1.66 8.08
C ALA A 236 9.98 0.24 8.62
N GLY A 237 8.77 -0.28 8.74
CA GLY A 237 8.57 -1.61 9.27
C GLY A 237 7.98 -1.63 10.68
N ASP A 238 7.93 -0.46 11.32
CA ASP A 238 7.48 -0.35 12.71
C ASP A 238 6.23 0.53 12.88
N ARG A 239 5.40 0.56 11.85
CA ARG A 239 4.23 1.44 11.77
C ARG A 239 4.53 2.77 11.11
N THR A 240 5.77 3.26 11.20
CA THR A 240 6.08 4.60 10.70
C THR A 240 6.58 4.61 9.25
N PHE A 241 6.70 5.81 8.69
CA PHE A 241 7.14 6.00 7.31
C PHE A 241 8.35 6.93 7.18
N GLN A 242 8.96 6.92 6.00
CA GLN A 242 10.15 7.72 5.71
C GLN A 242 10.02 8.36 4.35
N LYS A 243 10.69 9.49 4.16
CA LYS A 243 10.76 10.10 2.83
C LYS A 243 11.91 11.09 2.80
N TRP A 244 12.49 11.29 1.63
CA TRP A 244 13.46 12.37 1.45
C TRP A 244 13.28 13.08 0.12
N ALA A 245 13.80 14.31 0.06
CA ALA A 245 13.78 15.13 -1.13
C ALA A 245 15.18 15.71 -1.29
N ALA A 246 15.70 15.71 -2.51
CA ALA A 246 17.08 16.21 -2.72
C ALA A 246 17.11 17.21 -3.87
N VAL A 247 17.99 18.21 -3.75
CA VAL A 247 18.27 19.12 -4.86
C VAL A 247 19.78 19.25 -5.01
N VAL A 248 20.23 19.44 -6.25
CA VAL A 248 21.63 19.73 -6.51
C VAL A 248 21.80 21.24 -6.58
N VAL A 249 22.77 21.75 -5.82
CA VAL A 249 22.92 23.19 -5.65
C VAL A 249 24.35 23.59 -5.93
N PRO A 250 24.55 24.81 -6.44
CA PRO A 250 25.90 25.32 -6.69
C PRO A 250 26.62 25.55 -5.37
N SER A 251 27.87 25.11 -5.29
CA SER A 251 28.66 25.29 -4.07
C SER A 251 28.64 26.75 -3.64
N GLY A 252 28.37 26.99 -2.36
CA GLY A 252 28.34 28.35 -1.85
C GLY A 252 26.95 28.94 -1.84
N GLU A 253 26.02 28.35 -2.58
CA GLU A 253 24.66 28.89 -2.65
C GLU A 253 23.67 28.14 -1.74
N GLU A 254 24.19 27.30 -0.86
CA GLU A 254 23.36 26.46 0.01
C GLU A 254 22.31 27.21 0.82
N GLN A 255 22.62 28.42 1.28
CA GLN A 255 21.69 29.15 2.13
C GLN A 255 20.51 29.78 1.39
N ARG A 256 20.52 29.71 0.06
CA ARG A 256 19.38 30.18 -0.72
C ARG A 256 18.27 29.10 -0.73
N TYR A 257 18.61 27.92 -0.21
CA TYR A 257 17.72 26.76 -0.23
C TYR A 257 17.12 26.42 1.14
N THR A 258 15.80 26.23 1.16
CA THR A 258 15.11 25.87 2.39
C THR A 258 14.22 24.66 2.12
N CYS A 259 14.20 23.72 3.07
CA CYS A 259 13.35 22.54 2.96
C CYS A 259 12.13 22.74 3.84
N HIS A 260 10.97 22.46 3.28
CA HIS A 260 9.73 22.69 4.02
C HIS A 260 9.00 21.39 4.25
N VAL A 261 8.54 21.20 5.48
CA VAL A 261 7.91 19.93 5.88
C VAL A 261 6.53 20.21 6.44
N GLN A 262 5.50 19.60 5.87
CA GLN A 262 4.16 19.66 6.46
C GLN A 262 3.76 18.25 6.89
N HIS A 263 3.25 18.10 8.11
CA HIS A 263 2.74 16.81 8.57
C HIS A 263 1.77 17.01 9.75
N GLU A 264 0.72 16.19 9.81
CA GLU A 264 -0.31 16.27 10.84
C GLU A 264 0.21 16.24 12.28
N GLY A 265 1.33 15.58 12.50
CA GLY A 265 1.86 15.38 13.84
C GLY A 265 2.72 16.52 14.33
N LEU A 266 2.92 17.51 13.46
CA LEU A 266 3.77 18.66 13.78
C LEU A 266 2.95 19.80 14.37
N PRO A 267 3.37 20.27 15.56
CA PRO A 267 2.82 21.47 16.18
C PRO A 267 2.72 22.59 15.16
N LYS A 268 3.75 22.71 14.31
CA LYS A 268 3.74 23.65 13.20
C LYS A 268 4.75 23.23 12.12
N PRO A 269 4.48 23.62 10.87
CA PRO A 269 5.35 23.32 9.72
C PRO A 269 6.81 23.68 9.98
N LEU A 270 7.71 22.82 9.51
CA LEU A 270 9.13 23.06 9.69
C LEU A 270 9.71 23.77 8.46
N THR A 271 10.68 24.63 8.70
CA THR A 271 11.51 25.16 7.63
C THR A 271 12.93 24.79 8.01
N LEU A 272 13.61 24.08 7.13
CA LEU A 272 14.93 23.56 7.48
C LEU A 272 15.98 24.06 6.50
N ARG A 273 17.19 24.24 7.00
CA ARG A 273 18.33 24.62 6.17
C ARG A 273 19.50 23.72 6.51
N TRP A 274 20.44 23.61 5.58
CA TRP A 274 21.67 22.91 5.90
C TRP A 274 22.40 23.70 6.95
N GLU A 275 22.88 23.00 7.98
CA GLU A 275 23.66 23.61 9.04
C GLU A 275 25.06 22.99 9.05
N PRO A 276 26.03 23.67 8.44
CA PRO A 276 27.40 23.18 8.40
C PRO A 276 28.09 23.31 9.76
N ILE B 2 0.35 -3.16 -20.19
CA ILE B 2 -0.38 -4.10 -19.36
C ILE B 2 0.47 -4.62 -18.19
N GLN B 3 1.78 -4.40 -18.25
CA GLN B 3 2.65 -4.78 -17.13
C GLN B 3 3.45 -3.59 -16.61
N ARG B 4 3.75 -3.59 -15.31
CA ARG B 4 4.42 -2.45 -14.69
C ARG B 4 5.62 -2.93 -13.92
N THR B 5 6.76 -2.27 -14.13
CA THR B 5 8.00 -2.75 -13.55
C THR B 5 8.18 -2.22 -12.12
N PRO B 6 8.75 -3.04 -11.23
CA PRO B 6 8.88 -2.59 -9.84
C PRO B 6 9.86 -1.42 -9.65
N LYS B 7 9.50 -0.51 -8.76
CA LYS B 7 10.45 0.44 -8.19
C LYS B 7 11.06 -0.25 -7.00
N ILE B 8 12.29 0.12 -6.64
CA ILE B 8 13.00 -0.57 -5.58
C ILE B 8 13.71 0.44 -4.71
N GLN B 9 13.51 0.35 -3.40
CA GLN B 9 14.30 1.14 -2.46
C GLN B 9 14.91 0.23 -1.40
N VAL B 10 16.18 0.45 -1.10
CA VAL B 10 16.86 -0.31 -0.08
C VAL B 10 17.35 0.63 1.01
N TYR B 11 17.05 0.31 2.27
CA TYR B 11 17.26 1.26 3.37
C TYR B 11 17.11 0.59 4.73
N SER B 12 17.48 1.30 5.79
CA SER B 12 17.36 0.74 7.12
C SER B 12 16.16 1.33 7.88
N ARG B 13 15.65 0.56 8.82
CA ARG B 13 14.50 1.03 9.61
C ARG B 13 14.89 2.26 10.42
N HIS B 14 16.06 2.20 11.04
CA HIS B 14 16.60 3.31 11.82
C HIS B 14 17.87 3.82 11.16
N PRO B 15 18.28 5.07 11.47
CA PRO B 15 19.54 5.56 10.91
C PRO B 15 20.65 4.58 11.26
N ALA B 16 21.53 4.31 10.31
CA ALA B 16 22.51 3.24 10.48
C ALA B 16 23.68 3.65 11.38
N GLU B 17 24.01 2.78 12.32
CA GLU B 17 25.15 3.00 13.22
C GLU B 17 25.94 1.71 13.33
N ASN B 18 27.16 1.69 12.79
CA ASN B 18 28.00 0.49 12.83
C ASN B 18 28.00 -0.18 14.20
N GLY B 19 27.67 -1.47 14.22
CA GLY B 19 27.69 -2.26 15.43
C GLY B 19 26.39 -2.28 16.21
N LYS B 20 25.40 -1.54 15.73
N LYS B 20 25.40 -1.52 15.75
CA LYS B 20 24.11 -1.46 16.42
CA LYS B 20 24.12 -1.47 16.43
C LYS B 20 23.03 -2.22 15.66
C LYS B 20 23.05 -2.23 15.66
N SER B 21 22.30 -3.08 16.35
CA SER B 21 21.26 -3.89 15.71
C SER B 21 20.21 -3.00 15.04
N ASN B 22 19.76 -3.41 13.85
CA ASN B 22 18.88 -2.58 13.02
C ASN B 22 18.06 -3.52 12.13
N PHE B 23 17.26 -2.97 11.21
CA PHE B 23 16.53 -3.76 10.23
C PHE B 23 16.84 -3.24 8.83
N LEU B 24 17.13 -4.17 7.92
CA LEU B 24 17.40 -3.86 6.52
C LEU B 24 16.13 -4.07 5.71
N ASN B 25 15.73 -3.05 4.95
CA ASN B 25 14.48 -3.10 4.20
C ASN B 25 14.69 -3.09 2.71
N CYS B 26 13.90 -3.86 1.99
CA CYS B 26 13.80 -3.69 0.56
C CYS B 26 12.34 -3.51 0.20
N TYR B 27 11.98 -2.32 -0.24
CA TYR B 27 10.60 -2.01 -0.54
C TYR B 27 10.43 -2.04 -2.05
N VAL B 28 9.54 -2.92 -2.53
CA VAL B 28 9.27 -3.01 -3.96
C VAL B 28 7.83 -2.57 -4.19
N SER B 29 7.62 -1.72 -5.17
CA SER B 29 6.30 -1.15 -5.38
C SER B 29 6.05 -0.77 -6.82
N GLY B 30 4.79 -0.44 -7.13
CA GLY B 30 4.48 0.03 -8.47
C GLY B 30 4.45 -1.05 -9.52
N PHE B 31 4.44 -2.31 -9.12
CA PHE B 31 4.54 -3.39 -10.11
C PHE B 31 3.24 -4.13 -10.38
N HIS B 32 3.16 -4.76 -11.54
CA HIS B 32 2.01 -5.57 -11.92
C HIS B 32 2.47 -6.46 -13.08
N PRO B 33 2.16 -7.77 -13.02
CA PRO B 33 1.38 -8.48 -12.00
C PRO B 33 2.14 -8.73 -10.68
N SER B 34 1.50 -9.46 -9.77
CA SER B 34 1.95 -9.51 -8.38
C SER B 34 3.11 -10.46 -8.12
N ASP B 35 3.31 -11.47 -8.97
CA ASP B 35 4.45 -12.38 -8.77
C ASP B 35 5.78 -11.63 -8.86
N ILE B 36 6.63 -11.85 -7.86
CA ILE B 36 7.90 -11.14 -7.80
C ILE B 36 8.87 -11.91 -6.92
N GLU B 37 10.14 -11.83 -7.25
CA GLU B 37 11.18 -12.51 -6.48
C GLU B 37 12.12 -11.49 -5.87
N VAL B 38 12.21 -11.48 -4.54
CA VAL B 38 13.05 -10.52 -3.84
C VAL B 38 14.02 -11.21 -2.89
N ASP B 39 15.29 -10.84 -3.01
CA ASP B 39 16.33 -11.37 -2.13
C ASP B 39 17.11 -10.24 -1.50
N LEU B 40 17.43 -10.35 -0.22
CA LEU B 40 18.35 -9.41 0.40
C LEU B 40 19.72 -10.08 0.36
N LEU B 41 20.75 -9.32 0.01
CA LEU B 41 22.10 -9.88 -0.14
C LEU B 41 23.07 -9.28 0.87
N LYS B 42 24.00 -10.09 1.36
CA LYS B 42 25.09 -9.60 2.20
C LYS B 42 26.40 -10.01 1.55
N ASN B 43 27.20 -9.02 1.15
CA ASN B 43 28.42 -9.31 0.39
C ASN B 43 28.13 -10.29 -0.75
N GLY B 44 27.06 -10.04 -1.49
CA GLY B 44 26.75 -10.84 -2.66
C GLY B 44 25.95 -12.11 -2.43
N GLU B 45 25.83 -12.53 -1.17
CA GLU B 45 25.14 -13.79 -0.87
C GLU B 45 23.75 -13.60 -0.26
N ARG B 46 22.82 -14.48 -0.61
N ARG B 46 22.86 -14.52 -0.59
CA ARG B 46 21.46 -14.38 -0.08
CA ARG B 46 21.45 -14.45 -0.19
C ARG B 46 21.46 -14.50 1.44
C ARG B 46 21.23 -14.73 1.29
N ILE B 47 20.52 -13.81 2.09
N ILE B 47 20.53 -13.82 1.97
CA ILE B 47 20.33 -14.01 3.52
CA ILE B 47 20.21 -13.98 3.39
C ILE B 47 19.01 -14.75 3.76
C ILE B 47 19.02 -14.93 3.58
N GLU B 48 19.07 -15.78 4.61
CA GLU B 48 17.96 -16.69 4.88
C GLU B 48 17.01 -16.16 5.94
N LYS B 49 15.76 -16.61 5.90
CA LYS B 49 14.79 -16.20 6.90
C LYS B 49 14.52 -14.69 6.81
N VAL B 50 14.35 -14.20 5.59
CA VAL B 50 13.90 -12.84 5.36
C VAL B 50 12.37 -12.89 5.45
N GLU B 51 11.78 -11.88 6.07
N GLU B 51 11.76 -11.90 6.07
CA GLU B 51 10.33 -11.79 6.22
CA GLU B 51 10.31 -11.87 6.20
C GLU B 51 9.77 -10.90 5.12
C GLU B 51 9.73 -10.77 5.32
N HIS B 52 8.46 -10.90 4.98
CA HIS B 52 7.84 -9.92 4.09
C HIS B 52 6.42 -9.61 4.52
N SER B 53 5.94 -8.45 4.06
CA SER B 53 4.61 -7.97 4.39
C SER B 53 3.56 -8.72 3.59
N ASP B 54 2.29 -8.50 3.91
CA ASP B 54 1.19 -9.12 3.16
C ASP B 54 0.89 -8.35 1.87
N LEU B 55 0.75 -9.08 0.75
CA LEU B 55 0.46 -8.46 -0.53
C LEU B 55 -0.64 -7.42 -0.44
N SER B 56 -0.32 -6.19 -0.85
CA SER B 56 -1.34 -5.15 -0.93
C SER B 56 -1.03 -4.30 -2.15
N PHE B 57 -1.83 -3.27 -2.36
CA PHE B 57 -1.66 -2.43 -3.53
C PHE B 57 -2.12 -1.00 -3.30
N SER B 58 -1.68 -0.10 -4.16
N SER B 58 -1.68 -0.09 -4.15
CA SER B 58 -2.03 1.32 -4.06
CA SER B 58 -2.05 1.32 -4.01
C SER B 58 -3.28 1.64 -4.86
C SER B 58 -3.31 1.63 -4.83
N LYS B 59 -3.74 2.89 -4.77
CA LYS B 59 -4.95 3.31 -5.49
C LYS B 59 -4.89 3.13 -7.01
N ASP B 60 -3.70 3.09 -7.58
CA ASP B 60 -3.55 2.85 -9.01
C ASP B 60 -3.47 1.36 -9.35
N TRP B 61 -3.73 0.53 -8.34
CA TRP B 61 -3.79 -0.94 -8.48
C TRP B 61 -2.43 -1.63 -8.47
N SER B 62 -1.34 -0.87 -8.47
N SER B 62 -1.35 -0.86 -8.46
CA SER B 62 -0.03 -1.51 -8.50
CA SER B 62 0.00 -1.42 -8.44
C SER B 62 0.33 -2.06 -7.13
C SER B 62 0.32 -2.08 -7.09
N PHE B 63 1.03 -3.20 -7.12
CA PHE B 63 1.37 -3.90 -5.88
C PHE B 63 2.57 -3.33 -5.15
N TYR B 64 2.62 -3.54 -3.84
CA TYR B 64 3.82 -3.26 -3.07
C TYR B 64 4.05 -4.31 -2.00
N LEU B 65 5.32 -4.56 -1.71
CA LEU B 65 5.75 -5.47 -0.64
C LEU B 65 6.98 -4.89 0.03
N LEU B 66 7.07 -5.13 1.34
CA LEU B 66 8.28 -4.83 2.10
C LEU B 66 8.95 -6.14 2.50
N TYR B 67 10.22 -6.32 2.12
CA TYR B 67 11.00 -7.44 2.61
C TYR B 67 12.01 -6.91 3.62
N TYR B 68 12.22 -7.63 4.71
CA TYR B 68 13.09 -7.12 5.76
C TYR B 68 13.76 -8.21 6.58
N THR B 69 14.89 -7.86 7.18
CA THR B 69 15.59 -8.78 8.07
C THR B 69 16.37 -7.98 9.10
N GLU B 70 16.54 -8.53 10.29
CA GLU B 70 17.36 -7.86 11.28
C GLU B 70 18.83 -7.94 10.85
N PHE B 71 19.58 -6.89 11.12
CA PHE B 71 21.01 -6.89 10.78
C PHE B 71 21.79 -5.89 11.61
N THR B 72 23.09 -6.13 11.72
CA THR B 72 23.97 -5.22 12.41
C THR B 72 25.00 -4.73 11.41
N PRO B 73 24.82 -3.50 10.90
CA PRO B 73 25.73 -2.92 9.90
C PRO B 73 27.16 -2.79 10.43
N THR B 74 28.11 -3.01 9.54
CA THR B 74 29.52 -2.81 9.84
C THR B 74 30.10 -1.95 8.73
N GLU B 75 31.35 -1.53 8.89
CA GLU B 75 31.96 -0.66 7.90
C GLU B 75 32.31 -1.44 6.62
N LYS B 76 32.63 -2.72 6.79
CA LYS B 76 33.11 -3.54 5.68
C LYS B 76 31.97 -4.15 4.87
N ASP B 77 30.98 -4.69 5.56
CA ASP B 77 29.90 -5.43 4.89
C ASP B 77 29.09 -4.57 3.92
N GLU B 78 28.75 -5.17 2.79
CA GLU B 78 27.92 -4.52 1.78
C GLU B 78 26.58 -5.24 1.71
N TYR B 79 25.50 -4.48 1.56
CA TYR B 79 24.18 -5.06 1.48
C TYR B 79 23.47 -4.59 0.21
N ALA B 80 22.57 -5.41 -0.31
CA ALA B 80 21.85 -5.05 -1.52
C ALA B 80 20.52 -5.77 -1.58
N CYS B 81 19.69 -5.36 -2.52
CA CYS B 81 18.44 -6.05 -2.77
C CYS B 81 18.44 -6.47 -4.24
N ARG B 82 18.05 -7.72 -4.48
CA ARG B 82 17.99 -8.24 -5.84
C ARG B 82 16.56 -8.66 -6.17
N VAL B 83 16.06 -8.14 -7.28
CA VAL B 83 14.64 -8.28 -7.61
C VAL B 83 14.48 -8.86 -9.01
N ASN B 84 13.64 -9.87 -9.13
CA ASN B 84 13.24 -10.28 -10.47
C ASN B 84 11.74 -10.18 -10.63
N HIS B 85 11.32 -9.86 -11.85
CA HIS B 85 9.91 -9.68 -12.17
C HIS B 85 9.76 -9.97 -13.66
N VAL B 86 8.55 -10.31 -14.09
CA VAL B 86 8.35 -10.66 -15.50
C VAL B 86 8.82 -9.54 -16.43
N THR B 87 8.75 -8.30 -15.96
CA THR B 87 9.11 -7.14 -16.75
C THR B 87 10.61 -6.92 -16.87
N LEU B 88 11.38 -7.71 -16.14
CA LEU B 88 12.84 -7.56 -16.13
C LEU B 88 13.49 -8.73 -16.83
N SER B 89 14.36 -8.43 -17.80
CA SER B 89 15.10 -9.44 -18.55
C SER B 89 16.12 -10.12 -17.67
N GLN B 90 16.72 -9.35 -16.77
CA GLN B 90 17.68 -9.85 -15.80
C GLN B 90 17.34 -9.26 -14.44
N PRO B 91 17.70 -9.97 -13.36
CA PRO B 91 17.45 -9.46 -12.00
C PRO B 91 18.11 -8.10 -11.80
N LYS B 92 17.39 -7.17 -11.19
CA LYS B 92 17.94 -5.86 -10.94
C LYS B 92 18.51 -5.82 -9.53
N ILE B 93 19.70 -5.25 -9.38
CA ILE B 93 20.35 -5.15 -8.07
C ILE B 93 20.44 -3.71 -7.64
N VAL B 94 19.96 -3.43 -6.42
CA VAL B 94 20.08 -2.09 -5.87
C VAL B 94 20.90 -2.18 -4.57
N LYS B 95 21.98 -1.40 -4.52
CA LYS B 95 22.86 -1.44 -3.36
C LYS B 95 22.33 -0.56 -2.22
N TRP B 96 22.54 -1.02 -0.98
CA TRP B 96 22.20 -0.20 0.17
C TRP B 96 23.22 0.93 0.29
N ASP B 97 22.73 2.15 0.23
CA ASP B 97 23.54 3.33 0.45
C ASP B 97 22.97 4.00 1.68
N ARG B 98 23.76 4.10 2.75
CA ARG B 98 23.29 4.67 4.01
C ARG B 98 22.75 6.09 3.86
N ASP B 99 23.07 6.74 2.76
CA ASP B 99 22.67 8.13 2.58
C ASP B 99 21.46 8.25 1.64
N MET B 100 20.75 7.15 1.44
CA MET B 100 19.56 7.18 0.60
C MET B 100 18.40 6.29 1.07
N PHE C 1 -14.57 -4.84 9.18
CA PHE C 1 -15.49 -5.97 9.01
C PHE C 1 -15.71 -6.20 7.51
N LEU C 2 -15.60 -7.46 7.07
CA LEU C 2 -15.64 -7.75 5.64
C LEU C 2 -17.02 -7.50 5.04
N ARG C 3 -17.02 -7.16 3.75
CA ARG C 3 -18.26 -7.04 3.00
C ARG C 3 -18.43 -8.31 2.20
N GLY C 4 -19.61 -8.91 2.24
CA GLY C 4 -19.91 -10.06 1.40
C GLY C 4 -20.15 -9.63 -0.03
N ARG C 5 -19.60 -10.37 -0.98
N ARG C 5 -19.57 -10.36 -0.99
CA ARG C 5 -19.80 -10.08 -2.39
CA ARG C 5 -19.80 -10.08 -2.40
C ARG C 5 -21.22 -10.41 -2.83
C ARG C 5 -21.24 -10.39 -2.79
N ALA C 6 -21.94 -9.39 -3.31
CA ALA C 6 -23.37 -9.54 -3.63
C ALA C 6 -23.67 -10.44 -4.82
N TYR C 7 -22.77 -10.43 -5.81
CA TYR C 7 -23.03 -11.13 -7.05
C TYR C 7 -21.73 -11.26 -7.83
N VAL C 8 -21.60 -12.33 -8.59
CA VAL C 8 -20.41 -12.52 -9.41
C VAL C 8 -20.31 -11.41 -10.45
N LEU C 9 -19.09 -11.10 -10.87
CA LEU C 9 -18.89 -10.19 -11.98
C LEU C 9 -19.42 -10.84 -13.28
#